data_4EY3
#
_entry.id   4EY3
#
_cell.length_a   46.816
_cell.length_b   132.625
_cell.length_c   130.967
_cell.angle_alpha   90.000
_cell.angle_beta   90.000
_cell.angle_gamma   90.000
#
_symmetry.space_group_name_H-M   'C 2 2 21'
#
loop_
_entity.id
_entity.type
_entity.pdbx_description
1 polymer 'Twin-arginine translocation pathway signal'
2 non-polymer 'P-HYDROXYBENZOIC ACID'
3 water water
#
_entity_poly.entity_id   1
_entity_poly.type   'polypeptide(L)'
_entity_poly.pdbx_seq_one_letter_code
;SNAEDTFKVGLIVP(MSE)TGGQASTGKQIDNAIKLYIKKHGDTVAGKKIEVILKDDAAIPDNTKRLAQELIVNDKVNVI
AGFGITPAALAAAPLATQAKVPEIV(MSE)AAGTSIITERSPYIVRTSFTLAQSSIIIGDWAAKNGIKKVATLTSDYAPG
NDALAFFKERFTAGGGEIVEEIKVPLANPDFAPFLQR(MSE)KDAKPDA(MSE)FVFVPAGQGGNF(MSE)KQFAERGLD
KSGIKVIGPGDV(MSE)DDDLLNS(MSE)GDAALGVVTAH(MSE)YSAAHPSA(MSE)NKEFVAAYKKEFGQRPGF
(MSE)AVGGYDGIHLVFEALKKTGGKADGDSLIAA(MSE)KG(MSE)KWESPRGPISIDPETRDIVQNIYIRKVEKVDGE
LYNIEFAKFDAVKDPGKTKK
;
_entity_poly.pdbx_strand_id   A
#
# COMPACT_ATOMS: atom_id res chain seq x y z
N ALA A 3 25.98 9.90 -20.94
CA ALA A 3 25.05 10.14 -19.79
C ALA A 3 23.66 10.56 -20.26
N GLU A 4 23.57 11.02 -21.51
CA GLU A 4 22.31 11.49 -22.10
C GLU A 4 21.44 10.33 -22.61
N ASP A 5 22.03 9.14 -22.67
CA ASP A 5 21.29 7.92 -23.05
C ASP A 5 20.92 7.11 -21.81
N THR A 6 20.89 7.77 -20.66
CA THR A 6 20.65 7.11 -19.38
C THR A 6 19.58 7.84 -18.58
N PHE A 7 18.69 7.07 -17.96
CA PHE A 7 17.66 7.59 -17.09
C PHE A 7 17.73 6.85 -15.76
N LYS A 8 17.94 7.59 -14.69
CA LYS A 8 18.16 6.99 -13.37
C LYS A 8 16.95 7.09 -12.44
N VAL A 9 16.65 6.00 -11.75
CA VAL A 9 15.60 5.95 -10.73
C VAL A 9 16.23 5.63 -9.38
N GLY A 10 16.09 6.54 -8.42
CA GLY A 10 16.59 6.34 -7.07
C GLY A 10 15.54 5.72 -6.17
N LEU A 11 15.67 4.42 -5.92
CA LEU A 11 14.70 3.67 -5.12
C LEU A 11 15.08 3.63 -3.63
N ILE A 12 14.28 4.33 -2.82
CA ILE A 12 14.51 4.43 -1.37
C ILE A 12 13.40 3.68 -0.62
N VAL A 13 13.73 2.48 -0.17
CA VAL A 13 12.77 1.58 0.48
C VAL A 13 13.41 0.91 1.71
N PRO A 14 12.58 0.38 2.65
CA PRO A 14 13.15 -0.35 3.78
C PRO A 14 13.47 -1.81 3.43
N THR A 16 15.74 -3.46 5.47
CA THR A 16 15.97 -4.00 6.80
C THR A 16 14.99 -3.37 7.78
N GLY A 17 14.93 -3.89 9.01
CA GLY A 17 14.05 -3.35 10.04
C GLY A 17 12.60 -3.79 9.91
N GLY A 18 11.74 -3.19 10.73
CA GLY A 18 10.33 -3.58 10.83
C GLY A 18 9.59 -3.76 9.52
N GLN A 19 9.82 -2.86 8.57
CA GLN A 19 9.08 -2.85 7.31
C GLN A 19 9.84 -3.46 6.13
N ALA A 20 10.85 -4.28 6.42
CA ALA A 20 11.68 -4.92 5.39
C ALA A 20 10.89 -5.64 4.30
N SER A 21 9.72 -6.18 4.66
CA SER A 21 8.90 -6.92 3.70
C SER A 21 8.36 -6.00 2.58
N THR A 22 8.11 -4.73 2.92
CA THR A 22 7.65 -3.73 1.96
C THR A 22 8.71 -3.51 0.87
N GLY A 23 9.92 -3.17 1.29
CA GLY A 23 11.03 -2.91 0.39
C GLY A 23 11.44 -4.13 -0.43
N LYS A 24 11.38 -5.31 0.17
CA LYS A 24 11.60 -6.56 -0.54
C LYS A 24 10.59 -6.72 -1.69
N GLN A 25 9.31 -6.45 -1.42
CA GLN A 25 8.27 -6.61 -2.44
C GLN A 25 8.42 -5.62 -3.59
N ILE A 26 8.68 -4.35 -3.26
CA ILE A 26 8.84 -3.29 -4.25
C ILE A 26 10.08 -3.50 -5.10
N ASP A 27 11.20 -3.83 -4.46
CA ASP A 27 12.44 -4.16 -5.16
C ASP A 27 12.24 -5.33 -6.12
N ASN A 28 11.55 -6.37 -5.64
CA ASN A 28 11.24 -7.55 -6.45
C ASN A 28 10.38 -7.27 -7.66
N ALA A 29 9.29 -6.52 -7.44
CA ALA A 29 8.34 -6.22 -8.51
C ALA A 29 8.99 -5.43 -9.64
N ILE A 30 9.85 -4.48 -9.27
CA ILE A 30 10.57 -3.66 -10.24
C ILE A 30 11.55 -4.52 -11.07
N LYS A 31 12.28 -5.41 -10.40
CA LYS A 31 13.10 -6.41 -11.10
C LYS A 31 12.28 -7.21 -12.11
N LEU A 32 11.11 -7.66 -11.70
CA LEU A 32 10.23 -8.46 -12.57
C LEU A 32 9.74 -7.65 -13.77
N TYR A 33 9.33 -6.40 -13.52
CA TYR A 33 8.86 -5.52 -14.59
C TYR A 33 9.92 -5.37 -15.67
N ILE A 34 11.18 -5.18 -15.24
CA ILE A 34 12.31 -5.04 -16.14
C ILE A 34 12.61 -6.35 -16.88
N LYS A 35 12.55 -7.47 -16.16
CA LYS A 35 12.66 -8.79 -16.80
C LYS A 35 11.65 -8.97 -17.94
N LYS A 36 10.44 -8.46 -17.73
CA LYS A 36 9.32 -8.69 -18.66
C LYS A 36 9.17 -7.61 -19.74
N HIS A 37 9.67 -6.41 -19.47
CA HIS A 37 9.51 -5.28 -20.40
C HIS A 37 10.80 -4.72 -20.94
N GLY A 38 11.93 -5.16 -20.39
CA GLY A 38 13.24 -4.63 -20.79
C GLY A 38 13.61 -3.41 -19.97
N ASP A 39 14.81 -2.88 -20.20
CA ASP A 39 15.29 -1.71 -19.44
C ASP A 39 15.55 -0.48 -20.31
N THR A 40 14.89 -0.41 -21.46
CA THR A 40 15.09 0.70 -22.39
C THR A 40 13.77 1.26 -22.90
N VAL A 41 13.61 2.57 -22.77
CA VAL A 41 12.45 3.29 -23.28
C VAL A 41 12.89 4.65 -23.85
N ALA A 42 12.42 4.95 -25.06
CA ALA A 42 12.71 6.21 -25.76
C ALA A 42 14.22 6.49 -25.91
N GLY A 43 14.99 5.43 -26.11
CA GLY A 43 16.43 5.53 -26.31
C GLY A 43 17.26 5.70 -25.04
N LYS A 44 16.60 5.54 -23.89
CA LYS A 44 17.26 5.71 -22.58
C LYS A 44 17.36 4.38 -21.84
N LYS A 45 18.55 4.08 -21.34
CA LYS A 45 18.76 2.90 -20.50
C LYS A 45 18.42 3.25 -19.06
N ILE A 46 17.42 2.55 -18.50
CA ILE A 46 16.97 2.79 -17.14
C ILE A 46 17.87 2.06 -16.14
N GLU A 47 18.33 2.81 -15.15
CA GLU A 47 19.10 2.25 -14.05
C GLU A 47 18.39 2.52 -12.72
N VAL A 48 18.13 1.46 -11.96
CA VAL A 48 17.51 1.58 -10.65
C VAL A 48 18.58 1.49 -9.57
N ILE A 49 18.77 2.59 -8.83
CA ILE A 49 19.72 2.63 -7.72
C ILE A 49 18.96 2.40 -6.42
N LEU A 50 19.27 1.29 -5.76
CA LEU A 50 18.58 0.88 -4.54
C LEU A 50 19.29 1.40 -3.30
N LYS A 51 18.53 2.02 -2.41
CA LYS A 51 19.03 2.50 -1.12
C LYS A 51 18.08 2.10 0.01
N ASP A 52 18.65 1.46 1.04
CA ASP A 52 17.88 1.01 2.19
C ASP A 52 17.80 2.08 3.26
N ASP A 53 16.61 2.65 3.45
CA ASP A 53 16.42 3.67 4.48
C ASP A 53 15.97 3.08 5.81
N ALA A 54 15.72 1.77 5.82
CA ALA A 54 15.25 1.04 7.01
C ALA A 54 14.03 1.71 7.66
N ALA A 55 13.22 2.37 6.82
CA ALA A 55 12.00 3.08 7.23
C ALA A 55 12.23 4.20 8.27
N ILE A 56 13.46 4.71 8.34
CA ILE A 56 13.77 5.83 9.22
C ILE A 56 13.82 7.13 8.41
N PRO A 57 12.88 8.07 8.69
CA PRO A 57 12.74 9.31 7.91
C PRO A 57 14.02 10.15 7.79
N ASP A 58 14.85 10.15 8.83
CA ASP A 58 16.16 10.82 8.76
C ASP A 58 17.07 10.20 7.71
N ASN A 59 17.06 8.89 7.59
CA ASN A 59 17.82 8.20 6.55
C ASN A 59 17.25 8.45 5.15
N THR A 60 15.93 8.57 5.06
CA THR A 60 15.26 8.83 3.78
C THR A 60 15.67 10.19 3.20
N LYS A 61 15.75 11.21 4.06
CA LYS A 61 16.16 12.55 3.66
C LYS A 61 17.61 12.57 3.16
N ARG A 62 18.51 11.97 3.94
CA ARG A 62 19.94 11.89 3.60
C ARG A 62 20.16 11.14 2.28
N LEU A 63 19.49 10.00 2.12
CA LEU A 63 19.63 9.19 0.92
C LEU A 63 19.05 9.86 -0.34
N ALA A 64 17.93 10.56 -0.17
CA ALA A 64 17.29 11.30 -1.27
C ALA A 64 18.15 12.47 -1.75
N GLN A 65 18.80 13.15 -0.80
CA GLN A 65 19.75 14.22 -1.12
C GLN A 65 20.96 13.64 -1.85
N GLU A 66 21.43 12.48 -1.39
CA GLU A 66 22.60 11.81 -1.95
C GLU A 66 22.35 11.33 -3.38
N LEU A 67 21.12 10.88 -3.64
CA LEU A 67 20.74 10.40 -4.97
C LEU A 67 20.54 11.55 -5.98
N ILE A 68 19.91 12.63 -5.51
CA ILE A 68 19.59 13.78 -6.37
C ILE A 68 20.83 14.62 -6.72
N VAL A 69 21.72 14.82 -5.75
CA VAL A 69 22.88 15.70 -5.92
C VAL A 69 24.11 14.96 -6.46
N ASN A 70 24.42 13.79 -5.88
CA ASN A 70 25.59 13.03 -6.29
C ASN A 70 25.34 12.15 -7.52
N ASP A 71 24.32 11.32 -7.45
CA ASP A 71 24.00 10.39 -8.54
C ASP A 71 23.14 11.03 -9.63
N LYS A 72 22.69 12.26 -9.36
CA LYS A 72 21.84 13.04 -10.27
C LYS A 72 20.65 12.27 -10.85
N VAL A 73 19.95 11.53 -10.00
CA VAL A 73 18.79 10.75 -10.43
C VAL A 73 17.71 11.64 -11.04
N ASN A 74 16.95 11.06 -11.97
CA ASN A 74 15.87 11.80 -12.64
C ASN A 74 14.58 11.70 -11.84
N VAL A 75 14.45 10.61 -11.09
CA VAL A 75 13.25 10.29 -10.32
C VAL A 75 13.65 9.60 -9.03
N ILE A 76 12.97 9.94 -7.94
CA ILE A 76 13.04 9.15 -6.70
C ILE A 76 11.73 8.37 -6.51
N ALA A 77 11.84 7.17 -5.93
CA ALA A 77 10.68 6.27 -5.82
C ALA A 77 10.70 5.41 -4.55
N GLY A 78 9.54 4.85 -4.21
CA GLY A 78 9.41 3.91 -3.10
C GLY A 78 8.66 4.48 -1.91
N PHE A 79 9.41 4.74 -0.83
CA PHE A 79 8.90 5.35 0.41
C PHE A 79 7.90 4.48 1.16
N GLY A 80 8.43 3.55 1.95
CA GLY A 80 7.66 2.50 2.61
C GLY A 80 6.64 2.97 3.62
N ILE A 81 6.95 4.04 4.33
CA ILE A 81 6.05 4.61 5.33
C ILE A 81 5.77 6.08 5.04
N THR A 82 4.73 6.64 5.67
CA THR A 82 4.34 8.03 5.46
C THR A 82 5.45 9.05 5.80
N PRO A 83 6.08 8.94 7.00
CA PRO A 83 7.16 9.88 7.31
C PRO A 83 8.37 9.83 6.36
N ALA A 84 8.61 8.67 5.73
CA ALA A 84 9.66 8.56 4.72
C ALA A 84 9.31 9.39 3.49
N ALA A 85 8.04 9.30 3.07
CA ALA A 85 7.53 10.09 1.95
C ALA A 85 7.58 11.59 2.25
N LEU A 86 7.17 11.96 3.46
CA LEU A 86 7.12 13.37 3.86
C LEU A 86 8.51 13.97 4.02
N ALA A 87 9.47 13.15 4.44
CA ALA A 87 10.85 13.60 4.64
C ALA A 87 11.54 13.97 3.32
N ALA A 88 11.11 13.34 2.23
CA ALA A 88 11.72 13.54 0.92
C ALA A 88 11.04 14.61 0.07
N ALA A 89 9.81 14.98 0.43
CA ALA A 89 9.01 15.94 -0.35
C ALA A 89 9.63 17.34 -0.57
N PRO A 90 10.33 17.89 0.45
CA PRO A 90 10.94 19.22 0.25
C PRO A 90 12.06 19.18 -0.79
N LEU A 91 12.88 18.12 -0.77
CA LEU A 91 13.98 17.96 -1.71
C LEU A 91 13.48 17.67 -3.12
N ALA A 92 12.36 16.97 -3.22
CA ALA A 92 11.72 16.70 -4.52
C ALA A 92 11.20 17.98 -5.15
N THR A 93 10.59 18.84 -4.33
CA THR A 93 10.06 20.13 -4.77
C THR A 93 11.19 21.07 -5.22
N GLN A 94 12.24 21.15 -4.41
CA GLN A 94 13.36 22.06 -4.65
C GLN A 94 14.14 21.70 -5.92
N ALA A 95 14.31 20.41 -6.16
CA ALA A 95 15.11 19.92 -7.29
C ALA A 95 14.27 19.52 -8.51
N LYS A 96 12.96 19.76 -8.43
CA LYS A 96 12.00 19.43 -9.51
C LYS A 96 12.15 17.97 -9.97
N VAL A 97 12.26 17.08 -9.00
CA VAL A 97 12.41 15.66 -9.25
C VAL A 97 11.10 14.96 -8.87
N PRO A 98 10.51 14.18 -9.79
CA PRO A 98 9.31 13.41 -9.44
C PRO A 98 9.58 12.41 -8.32
N GLU A 99 8.65 12.36 -7.37
CA GLU A 99 8.72 11.43 -6.24
C GLU A 99 7.58 10.43 -6.36
N ILE A 100 7.93 9.18 -6.66
CA ILE A 100 6.91 8.16 -6.91
C ILE A 100 6.65 7.35 -5.65
N VAL A 101 5.50 7.62 -5.03
CA VAL A 101 5.12 6.95 -3.79
C VAL A 101 4.45 5.62 -4.12
N ALA A 103 4.20 3.02 -1.78
CA ALA A 103 3.77 2.32 -0.57
C ALA A 103 2.89 3.16 0.36
N ALA A 104 3.45 4.26 0.89
CA ALA A 104 2.77 5.10 1.89
C ALA A 104 1.33 5.48 1.54
N GLY A 105 0.43 5.42 2.53
CA GLY A 105 -1.00 5.59 2.28
C GLY A 105 -1.77 6.65 3.04
N THR A 106 -1.09 7.69 3.52
CA THR A 106 -1.76 8.83 4.14
C THR A 106 -2.26 9.80 3.06
N SER A 107 -3.49 10.30 3.22
CA SER A 107 -4.14 11.15 2.21
C SER A 107 -3.37 12.42 1.80
N ILE A 108 -2.84 13.15 2.78
CA ILE A 108 -2.18 14.45 2.52
C ILE A 108 -0.85 14.38 1.76
N ILE A 109 -0.26 13.19 1.68
CA ILE A 109 1.06 13.03 1.07
C ILE A 109 1.21 13.76 -0.27
N THR A 110 0.22 13.61 -1.16
CA THR A 110 0.27 14.23 -2.49
C THR A 110 0.20 15.76 -2.48
N GLU A 111 -0.30 16.33 -1.39
CA GLU A 111 -0.42 17.78 -1.26
C GLU A 111 0.87 18.42 -0.76
N ARG A 112 1.80 17.59 -0.31
CA ARG A 112 3.03 18.06 0.33
C ARG A 112 4.15 18.36 -0.68
N SER A 113 3.90 18.06 -1.95
CA SER A 113 4.81 18.39 -3.04
C SER A 113 4.06 18.32 -4.38
N PRO A 114 4.34 19.28 -5.29
CA PRO A 114 3.73 19.22 -6.62
C PRO A 114 4.34 18.12 -7.49
N TYR A 115 5.42 17.51 -7.03
CA TYR A 115 6.15 16.50 -7.81
C TYR A 115 5.91 15.08 -7.34
N ILE A 116 4.99 14.92 -6.38
CA ILE A 116 4.63 13.61 -5.87
C ILE A 116 3.51 13.00 -6.71
N VAL A 117 3.70 11.74 -7.09
CA VAL A 117 2.65 10.90 -7.68
C VAL A 117 2.62 9.57 -6.94
N ARG A 118 1.41 9.06 -6.69
CA ARG A 118 1.24 7.84 -5.89
C ARG A 118 0.64 6.69 -6.71
N THR A 119 1.23 5.50 -6.57
CA THR A 119 0.76 4.28 -7.24
C THR A 119 0.29 3.19 -6.27
N SER A 120 0.26 3.53 -4.99
CA SER A 120 -0.20 2.59 -3.97
C SER A 120 -1.70 2.76 -3.69
N PHE A 121 -2.02 3.57 -2.69
CA PHE A 121 -3.37 3.68 -2.14
C PHE A 121 -3.43 4.82 -1.14
N THR A 122 -4.64 5.16 -0.70
CA THR A 122 -4.80 5.87 0.56
C THR A 122 -5.66 4.98 1.46
N LEU A 123 -5.38 5.04 2.76
CA LEU A 123 -6.17 4.29 3.74
C LEU A 123 -7.65 4.66 3.73
N ALA A 124 -7.94 5.93 3.44
CA ALA A 124 -9.31 6.42 3.32
C ALA A 124 -10.11 5.69 2.22
N GLN A 125 -9.43 5.33 1.14
CA GLN A 125 -10.05 4.62 0.01
C GLN A 125 -10.70 3.30 0.43
N SER A 126 -9.98 2.53 1.27
CA SER A 126 -10.47 1.24 1.74
C SER A 126 -11.35 1.37 2.98
N SER A 127 -11.01 2.33 3.84
CA SER A 127 -11.68 2.50 5.12
C SER A 127 -13.13 2.95 5.00
N ILE A 128 -13.44 3.77 3.99
CA ILE A 128 -14.83 4.18 3.79
C ILE A 128 -15.70 2.98 3.35
N ILE A 129 -15.08 2.04 2.65
CA ILE A 129 -15.81 0.90 2.09
C ILE A 129 -16.12 -0.16 3.14
N ILE A 130 -15.13 -0.51 3.96
CA ILE A 130 -15.36 -1.45 5.06
C ILE A 130 -16.27 -0.83 6.13
N GLY A 131 -16.29 0.50 6.21
CA GLY A 131 -17.15 1.21 7.14
C GLY A 131 -18.61 1.04 6.78
N ASP A 132 -18.92 1.24 5.50
CA ASP A 132 -20.28 1.07 4.97
C ASP A 132 -20.73 -0.38 5.05
N TRP A 133 -19.83 -1.30 4.70
CA TRP A 133 -20.16 -2.72 4.69
C TRP A 133 -20.47 -3.25 6.07
N ALA A 134 -19.64 -2.92 7.06
CA ALA A 134 -19.87 -3.33 8.44
C ALA A 134 -21.22 -2.84 8.97
N ALA A 135 -21.56 -1.59 8.67
CA ALA A 135 -22.84 -1.01 9.10
C ALA A 135 -24.04 -1.72 8.47
N LYS A 136 -23.95 -1.99 7.17
CA LYS A 136 -25.03 -2.66 6.45
C LYS A 136 -25.12 -4.16 6.71
N ASN A 137 -24.11 -4.72 7.38
CA ASN A 137 -24.12 -6.17 7.64
C ASN A 137 -24.33 -6.61 9.09
N GLY A 138 -25.04 -5.79 9.86
CA GLY A 138 -25.48 -6.16 11.20
C GLY A 138 -24.42 -6.13 12.28
N ILE A 139 -23.27 -5.54 11.99
CA ILE A 139 -22.26 -5.28 13.00
C ILE A 139 -22.59 -3.94 13.68
N LYS A 140 -22.88 -3.99 14.98
CA LYS A 140 -23.33 -2.80 15.71
C LYS A 140 -22.28 -2.17 16.63
N LYS A 141 -21.49 -3.02 17.30
CA LYS A 141 -20.48 -2.56 18.26
C LYS A 141 -19.08 -2.98 17.84
N VAL A 142 -18.23 -1.99 17.55
CA VAL A 142 -16.86 -2.24 17.06
C VAL A 142 -15.80 -1.61 17.96
N ALA A 143 -14.73 -2.36 18.19
CA ALA A 143 -13.52 -1.84 18.82
C ALA A 143 -12.41 -1.72 17.77
N THR A 144 -11.61 -0.67 17.88
CA THR A 144 -10.58 -0.40 16.88
C THR A 144 -9.16 -0.55 17.43
N LEU A 145 -8.29 -1.14 16.63
CA LEU A 145 -6.85 -1.14 16.89
C LEU A 145 -6.16 -0.62 15.63
N THR A 146 -5.42 0.48 15.78
CA THR A 146 -4.76 1.12 14.65
C THR A 146 -3.36 1.58 15.04
N SER A 147 -2.40 1.37 14.14
CA SER A 147 -1.04 1.85 14.34
C SER A 147 -1.02 3.36 14.63
N ASP A 148 -0.21 3.75 15.61
CA ASP A 148 -0.25 5.09 16.17
C ASP A 148 0.55 6.12 15.37
N TYR A 149 0.14 6.31 14.11
CA TYR A 149 0.69 7.35 13.24
C TYR A 149 -0.26 7.63 12.07
N ALA A 150 0.12 8.57 11.21
CA ALA A 150 -0.78 9.17 10.21
C ALA A 150 -1.76 8.26 9.44
N PRO A 151 -1.26 7.14 8.84
CA PRO A 151 -2.19 6.30 8.07
C PRO A 151 -3.22 5.59 8.95
N GLY A 152 -2.83 5.26 10.18
CA GLY A 152 -3.72 4.67 11.17
C GLY A 152 -4.80 5.63 11.61
N ASN A 153 -4.43 6.89 11.80
CA ASN A 153 -5.40 7.94 12.14
C ASN A 153 -6.37 8.20 11.00
N ASP A 154 -5.88 8.11 9.76
CA ASP A 154 -6.71 8.22 8.56
C ASP A 154 -7.68 7.05 8.46
N ALA A 155 -7.19 5.85 8.73
CA ALA A 155 -8.00 4.63 8.68
C ALA A 155 -9.14 4.73 9.69
N LEU A 156 -8.80 5.08 10.92
CA LEU A 156 -9.75 5.21 12.00
C LEU A 156 -10.82 6.26 11.70
N ALA A 157 -10.38 7.48 11.36
CA ALA A 157 -11.30 8.60 11.11
C ALA A 157 -12.29 8.30 10.00
N PHE A 158 -11.83 7.69 8.92
CA PHE A 158 -12.71 7.39 7.80
C PHE A 158 -13.61 6.17 8.02
N PHE A 159 -13.10 5.16 8.73
CA PHE A 159 -13.94 4.05 9.12
C PHE A 159 -15.06 4.52 10.04
N LYS A 160 -14.67 5.31 11.04
CA LYS A 160 -15.59 5.85 12.03
C LYS A 160 -16.72 6.63 11.38
N GLU A 161 -16.36 7.54 10.48
CA GLU A 161 -17.33 8.42 9.82
C GLU A 161 -18.44 7.64 9.12
N ARG A 162 -18.04 6.67 8.29
CA ARG A 162 -19.01 5.88 7.52
C ARG A 162 -19.79 4.89 8.39
N PHE A 163 -19.08 4.25 9.32
CA PHE A 163 -19.67 3.25 10.20
C PHE A 163 -20.75 3.84 11.11
N THR A 164 -20.43 4.96 11.75
CA THR A 164 -21.38 5.63 12.66
C THR A 164 -22.57 6.22 11.91
N ALA A 165 -22.35 6.74 10.70
CA ALA A 165 -23.43 7.27 9.86
C ALA A 165 -24.42 6.16 9.50
N GLY A 166 -23.92 4.93 9.45
CA GLY A 166 -24.74 3.75 9.20
C GLY A 166 -25.39 3.18 10.46
N GLY A 167 -25.17 3.84 11.59
CA GLY A 167 -25.79 3.44 12.86
C GLY A 167 -24.91 2.56 13.73
N GLY A 168 -23.62 2.48 13.42
CA GLY A 168 -22.69 1.71 14.22
C GLY A 168 -22.14 2.51 15.39
N GLU A 169 -21.59 1.80 16.37
CA GLU A 169 -20.97 2.43 17.53
C GLU A 169 -19.54 1.95 17.73
N ILE A 170 -18.62 2.91 17.94
CA ILE A 170 -17.25 2.61 18.33
C ILE A 170 -17.17 2.64 19.86
N VAL A 171 -16.86 1.50 20.45
CA VAL A 171 -16.88 1.37 21.91
C VAL A 171 -15.50 1.61 22.53
N GLU A 172 -14.45 1.26 21.79
CA GLU A 172 -13.07 1.47 22.24
C GLU A 172 -12.16 1.83 21.07
N GLU A 173 -11.25 2.77 21.31
CA GLU A 173 -10.20 3.09 20.34
C GLU A 173 -8.83 2.84 20.96
N ILE A 174 -8.10 1.89 20.40
CA ILE A 174 -6.76 1.55 20.91
C ILE A 174 -5.71 1.73 19.82
N LYS A 175 -4.55 2.27 20.20
CA LYS A 175 -3.46 2.51 19.27
C LYS A 175 -2.15 1.90 19.75
N VAL A 176 -1.37 1.36 18.82
CA VAL A 176 -0.08 0.71 19.13
C VAL A 176 1.04 1.32 18.28
N PRO A 177 2.29 1.30 18.79
CA PRO A 177 3.35 1.92 18.01
C PRO A 177 3.63 1.20 16.69
N LEU A 178 4.21 1.92 15.74
CA LEU A 178 4.64 1.35 14.47
C LEU A 178 5.74 0.32 14.70
N ALA A 179 6.70 0.67 15.56
CA ALA A 179 7.84 -0.18 15.88
C ALA A 179 7.49 -1.14 17.01
N ASN A 180 7.72 -2.43 16.75
CA ASN A 180 7.48 -3.51 17.73
C ASN A 180 6.18 -3.38 18.53
N PRO A 181 5.02 -3.40 17.85
CA PRO A 181 3.79 -3.30 18.63
C PRO A 181 3.51 -4.60 19.39
N ASP A 182 2.90 -4.47 20.57
CA ASP A 182 2.45 -5.63 21.34
C ASP A 182 0.92 -5.66 21.34
N PHE A 183 0.35 -6.70 20.75
CA PHE A 183 -1.09 -6.80 20.54
C PHE A 183 -1.81 -7.49 21.69
N ALA A 184 -1.05 -8.20 22.54
CA ALA A 184 -1.62 -8.97 23.65
C ALA A 184 -2.61 -8.18 24.55
N PRO A 185 -2.21 -7.00 25.06
CA PRO A 185 -3.11 -6.28 25.97
C PRO A 185 -4.47 -5.93 25.35
N PHE A 186 -4.46 -5.45 24.12
CA PHE A 186 -5.70 -5.14 23.40
C PHE A 186 -6.55 -6.38 23.20
N LEU A 187 -5.91 -7.49 22.84
CA LEU A 187 -6.61 -8.74 22.60
C LEU A 187 -7.16 -9.35 23.88
N GLN A 188 -6.48 -9.11 25.00
CA GLN A 188 -7.00 -9.47 26.32
C GLN A 188 -8.21 -8.62 26.70
N ARG A 189 -8.16 -7.35 26.31
CA ARG A 189 -9.29 -6.43 26.47
C ARG A 189 -10.49 -6.94 25.65
N LYS A 191 -11.09 -10.14 24.92
CA LYS A 191 -11.59 -11.38 25.50
C LYS A 191 -12.60 -11.12 26.61
N ASP A 192 -12.41 -10.02 27.33
CA ASP A 192 -13.30 -9.64 28.43
C ASP A 192 -14.48 -8.80 27.94
N ALA A 193 -14.19 -7.64 27.35
CA ALA A 193 -15.20 -6.84 26.68
C ALA A 193 -15.34 -7.36 25.26
N LYS A 194 -16.49 -7.94 24.94
CA LYS A 194 -16.69 -8.62 23.65
C LYS A 194 -17.56 -7.81 22.68
N PRO A 195 -16.92 -7.10 21.73
CA PRO A 195 -17.67 -6.38 20.70
C PRO A 195 -18.03 -7.32 19.56
N ASP A 196 -18.84 -6.84 18.62
CA ASP A 196 -19.23 -7.62 17.45
C ASP A 196 -18.03 -7.93 16.55
N ALA A 197 -17.17 -6.94 16.37
CA ALA A 197 -15.97 -7.10 15.56
C ALA A 197 -14.85 -6.20 16.05
N PHE A 199 -12.00 -3.70 14.38
CA PHE A 199 -11.47 -3.05 13.20
C PHE A 199 -9.96 -2.91 13.43
N VAL A 200 -9.18 -3.44 12.49
CA VAL A 200 -7.72 -3.51 12.68
C VAL A 200 -6.94 -2.94 11.51
N PHE A 201 -6.15 -1.90 11.77
CA PHE A 201 -5.12 -1.48 10.83
C PHE A 201 -3.72 -1.66 11.40
N VAL A 202 -2.93 -2.43 10.69
CA VAL A 202 -1.49 -2.51 10.93
C VAL A 202 -0.82 -2.50 9.55
N PRO A 203 0.32 -1.80 9.41
CA PRO A 203 1.00 -1.69 8.12
C PRO A 203 1.43 -3.04 7.58
N ALA A 204 1.58 -3.14 6.26
CA ALA A 204 2.11 -4.34 5.62
C ALA A 204 3.25 -4.92 6.43
N GLY A 205 3.29 -6.24 6.55
CA GLY A 205 4.36 -6.92 7.27
C GLY A 205 4.05 -7.27 8.71
N GLN A 206 2.93 -6.78 9.23
CA GLN A 206 2.62 -6.93 10.65
C GLN A 206 1.41 -7.81 10.95
N GLY A 207 0.55 -8.01 9.96
CA GLY A 207 -0.66 -8.81 10.11
C GLY A 207 -0.45 -10.23 10.62
N GLY A 208 0.65 -10.84 10.21
CA GLY A 208 1.01 -12.19 10.65
C GLY A 208 1.17 -12.28 12.16
N ASN A 209 1.89 -11.30 12.72
CA ASN A 209 2.09 -11.20 14.16
C ASN A 209 0.78 -10.95 14.92
N PHE A 210 -0.08 -10.11 14.37
CA PHE A 210 -1.39 -9.86 14.97
C PHE A 210 -2.19 -11.16 15.05
N LYS A 212 -1.17 -14.27 14.83
CA LYS A 212 -0.49 -15.20 15.72
C LYS A 212 -0.92 -15.00 17.17
N GLN A 213 -0.94 -13.75 17.62
CA GLN A 213 -1.36 -13.42 18.99
C GLN A 213 -2.87 -13.55 19.17
N PHE A 214 -3.62 -13.27 18.10
CA PHE A 214 -5.07 -13.42 18.06
C PHE A 214 -5.48 -14.87 18.34
N ALA A 215 -4.82 -15.81 17.68
CA ALA A 215 -5.09 -17.25 17.83
C ALA A 215 -4.60 -17.80 19.17
N GLU A 216 -3.48 -17.26 19.66
CA GLU A 216 -2.93 -17.66 20.96
C GLU A 216 -3.85 -17.30 22.13
N ARG A 217 -4.54 -16.16 22.04
N ARG A 217 -4.52 -16.15 22.03
CA ARG A 217 -5.53 -15.78 23.04
CA ARG A 217 -5.52 -15.74 23.01
C ARG A 217 -6.91 -16.34 22.72
C ARG A 217 -6.85 -16.49 22.83
N GLY A 218 -6.95 -17.26 21.75
CA GLY A 218 -8.15 -18.07 21.46
C GLY A 218 -9.38 -17.35 20.95
N LEU A 219 -9.19 -16.16 20.39
CA LEU A 219 -10.29 -15.31 19.94
C LEU A 219 -10.98 -15.83 18.67
N ASP A 220 -10.35 -16.80 18.02
CA ASP A 220 -10.92 -17.47 16.85
C ASP A 220 -12.23 -18.18 17.18
N LYS A 221 -12.39 -18.56 18.43
CA LYS A 221 -13.60 -19.23 18.91
C LYS A 221 -14.59 -18.27 19.58
N SER A 222 -14.13 -17.05 19.89
CA SER A 222 -14.92 -16.08 20.65
C SER A 222 -16.09 -15.47 19.87
N GLY A 223 -16.12 -15.68 18.56
CA GLY A 223 -17.18 -15.13 17.72
C GLY A 223 -17.04 -13.63 17.47
N ILE A 224 -15.84 -13.10 17.73
CA ILE A 224 -15.52 -11.71 17.38
C ILE A 224 -14.90 -11.70 15.99
N LYS A 225 -15.60 -11.05 15.06
CA LYS A 225 -15.14 -10.92 13.68
C LYS A 225 -13.97 -9.95 13.58
N VAL A 226 -13.12 -10.16 12.58
CA VAL A 226 -12.03 -9.25 12.29
C VAL A 226 -12.32 -8.57 10.96
N ILE A 227 -12.31 -7.24 10.97
CA ILE A 227 -12.50 -6.44 9.77
C ILE A 227 -11.43 -5.36 9.65
N GLY A 228 -11.40 -4.69 8.49
CA GLY A 228 -10.52 -3.55 8.30
C GLY A 228 -10.11 -3.34 6.86
N PRO A 229 -9.15 -2.44 6.63
CA PRO A 229 -8.52 -2.36 5.32
C PRO A 229 -7.61 -3.57 5.14
N GLY A 230 -7.23 -3.88 3.90
CA GLY A 230 -6.55 -5.13 3.60
C GLY A 230 -5.15 -5.32 4.16
N ASP A 231 -4.58 -4.26 4.73
CA ASP A 231 -3.19 -4.29 5.20
C ASP A 231 -2.86 -5.44 6.15
N VAL A 232 -3.75 -5.68 7.12
CA VAL A 232 -3.62 -6.80 8.06
C VAL A 232 -3.58 -8.14 7.34
N ASP A 234 -2.27 -9.04 4.49
CA ASP A 234 -1.22 -8.91 3.48
C ASP A 234 -0.96 -10.25 2.78
N ASP A 235 -1.10 -10.27 1.46
CA ASP A 235 -0.87 -11.48 0.65
C ASP A 235 0.55 -12.03 0.77
N ASP A 236 1.49 -11.15 1.10
CA ASP A 236 2.87 -11.54 1.36
C ASP A 236 2.93 -12.40 2.62
N LEU A 237 1.91 -12.28 3.47
CA LEU A 237 1.87 -12.95 4.77
C LEU A 237 0.83 -14.08 4.88
N LEU A 238 -0.17 -14.09 4.00
CA LEU A 238 -1.27 -15.07 4.09
C LEU A 238 -0.83 -16.53 4.16
N ASN A 239 0.22 -16.88 3.42
CA ASN A 239 0.75 -18.25 3.38
C ASN A 239 1.23 -18.77 4.74
N SER A 240 1.63 -17.85 5.62
CA SER A 240 2.15 -18.20 6.95
C SER A 240 1.06 -18.29 8.02
N GLY A 242 -2.55 -19.31 9.96
CA GLY A 242 -3.34 -20.51 10.20
C GLY A 242 -4.82 -20.32 9.92
N ASP A 243 -5.63 -21.29 10.33
CA ASP A 243 -7.07 -21.30 10.05
C ASP A 243 -7.87 -20.19 10.73
N ALA A 244 -7.27 -19.55 11.73
CA ALA A 244 -7.90 -18.42 12.43
C ALA A 244 -8.20 -17.25 11.49
N ALA A 245 -7.39 -17.10 10.43
CA ALA A 245 -7.57 -16.06 9.43
C ALA A 245 -8.80 -16.26 8.53
N LEU A 246 -9.26 -17.51 8.41
CA LEU A 246 -10.46 -17.81 7.62
C LEU A 246 -11.64 -16.95 8.04
N GLY A 247 -12.35 -16.38 7.07
CA GLY A 247 -13.52 -15.55 7.34
C GLY A 247 -13.26 -14.10 7.69
N VAL A 248 -11.99 -13.68 7.70
CA VAL A 248 -11.67 -12.27 7.93
C VAL A 248 -12.03 -11.44 6.70
N VAL A 249 -12.81 -10.37 6.92
CA VAL A 249 -13.33 -9.54 5.82
C VAL A 249 -12.64 -8.17 5.76
N THR A 250 -12.00 -7.89 4.63
CA THR A 250 -11.29 -6.62 4.44
C THR A 250 -11.65 -5.94 3.11
N ALA A 251 -11.50 -4.62 3.09
CA ALA A 251 -11.59 -3.84 1.86
C ALA A 251 -10.17 -3.47 1.44
N HIS A 252 -9.87 -3.61 0.15
CA HIS A 252 -8.52 -3.32 -0.36
C HIS A 252 -8.46 -3.21 -1.86
N TYR A 254 -5.85 -4.42 -3.85
CA TYR A 254 -5.26 -5.58 -4.51
C TYR A 254 -5.48 -6.90 -3.75
N SER A 255 -5.73 -7.96 -4.50
CA SER A 255 -5.67 -9.33 -3.96
C SER A 255 -4.96 -10.23 -4.96
N ALA A 256 -4.09 -11.09 -4.46
CA ALA A 256 -3.40 -12.07 -5.29
C ALA A 256 -4.36 -12.98 -6.04
N ALA A 257 -5.60 -13.05 -5.56
CA ALA A 257 -6.63 -13.89 -6.17
C ALA A 257 -7.53 -13.12 -7.14
N HIS A 258 -7.18 -11.87 -7.45
CA HIS A 258 -7.92 -11.09 -8.44
C HIS A 258 -7.96 -11.87 -9.73
N PRO A 259 -9.17 -12.18 -10.23
CA PRO A 259 -9.38 -13.18 -11.29
C PRO A 259 -8.96 -12.81 -12.72
N SER A 260 -8.48 -11.58 -12.94
CA SER A 260 -8.11 -11.13 -14.28
C SER A 260 -6.93 -11.90 -14.89
N ALA A 261 -6.89 -11.93 -16.22
CA ALA A 261 -5.80 -12.60 -16.95
C ALA A 261 -4.44 -11.98 -16.64
N ASN A 263 -3.48 -10.37 -13.93
CA ASN A 263 -3.09 -10.76 -12.58
C ASN A 263 -2.64 -12.23 -12.50
N LYS A 264 -3.31 -13.09 -13.25
CA LYS A 264 -2.93 -14.49 -13.33
C LYS A 264 -1.50 -14.60 -13.84
N GLU A 265 -1.20 -13.81 -14.86
CA GLU A 265 0.13 -13.78 -15.48
C GLU A 265 1.17 -13.17 -14.54
N PHE A 266 0.78 -12.09 -13.87
CA PHE A 266 1.65 -11.40 -12.92
C PHE A 266 2.06 -12.29 -11.75
N VAL A 267 1.06 -12.88 -11.10
CA VAL A 267 1.26 -13.76 -9.95
C VAL A 267 2.16 -14.96 -10.29
N ALA A 268 1.83 -15.65 -11.38
CA ALA A 268 2.62 -16.80 -11.85
C ALA A 268 4.09 -16.43 -12.06
N ALA A 269 4.31 -15.31 -12.75
CA ALA A 269 5.67 -14.82 -13.02
C ALA A 269 6.41 -14.46 -11.73
N TYR A 270 5.71 -13.82 -10.80
CA TYR A 270 6.29 -13.45 -9.50
C TYR A 270 6.66 -14.69 -8.70
N LYS A 271 5.76 -15.66 -8.65
CA LYS A 271 5.99 -16.91 -7.93
C LYS A 271 7.15 -17.71 -8.53
N LYS A 272 7.21 -17.75 -9.86
CA LYS A 272 8.28 -18.45 -10.57
C LYS A 272 9.65 -17.82 -10.29
N GLU A 273 9.70 -16.49 -10.31
CA GLU A 273 10.96 -15.76 -10.20
C GLU A 273 11.47 -15.68 -8.75
N PHE A 274 10.57 -15.49 -7.79
CA PHE A 274 10.97 -15.24 -6.40
C PHE A 274 10.56 -16.32 -5.40
N GLY A 275 9.73 -17.26 -5.82
CA GLY A 275 9.29 -18.37 -4.97
C GLY A 275 8.32 -17.95 -3.87
N GLN A 276 7.68 -16.79 -4.05
CA GLN A 276 6.75 -16.25 -3.07
C GLN A 276 5.55 -15.64 -3.78
N ARG A 277 4.42 -15.56 -3.08
CA ARG A 277 3.25 -14.84 -3.55
C ARG A 277 3.50 -13.33 -3.42
N PRO A 278 3.16 -12.54 -4.46
CA PRO A 278 3.26 -11.08 -4.33
C PRO A 278 2.14 -10.52 -3.46
N GLY A 279 2.45 -9.51 -2.66
CA GLY A 279 1.43 -8.79 -1.90
C GLY A 279 1.08 -7.46 -2.55
N PHE A 280 0.32 -6.64 -1.81
CA PHE A 280 -0.12 -5.35 -2.35
C PHE A 280 0.99 -4.29 -2.47
N ALA A 282 4.13 -5.09 -3.50
CA ALA A 282 4.76 -5.46 -4.77
C ALA A 282 4.05 -4.82 -5.96
N VAL A 283 2.72 -4.89 -5.98
CA VAL A 283 1.95 -4.32 -7.08
C VAL A 283 2.04 -2.78 -7.12
N GLY A 284 2.31 -2.17 -5.96
CA GLY A 284 2.56 -0.72 -5.86
C GLY A 284 3.84 -0.31 -6.56
N GLY A 285 4.89 -1.13 -6.40
CA GLY A 285 6.15 -0.92 -7.10
C GLY A 285 6.07 -1.22 -8.59
N TYR A 286 5.43 -2.33 -8.93
CA TYR A 286 5.24 -2.76 -10.31
C TYR A 286 4.57 -1.68 -11.16
N ASP A 287 3.53 -1.06 -10.61
CA ASP A 287 2.81 0.01 -11.29
C ASP A 287 3.53 1.35 -11.23
N GLY A 288 4.34 1.54 -10.19
CA GLY A 288 5.14 2.76 -10.04
C GLY A 288 6.16 2.88 -11.14
N ILE A 289 6.84 1.77 -11.44
CA ILE A 289 7.85 1.74 -12.50
C ILE A 289 7.24 1.72 -13.91
N HIS A 290 6.04 1.17 -14.04
CA HIS A 290 5.28 1.24 -15.29
C HIS A 290 4.98 2.67 -15.63
N LEU A 291 4.58 3.44 -14.61
CA LEU A 291 4.31 4.87 -14.76
C LEU A 291 5.53 5.65 -15.24
N VAL A 292 6.71 5.26 -14.75
CA VAL A 292 7.97 5.88 -15.16
C VAL A 292 8.30 5.54 -16.62
N PHE A 293 8.22 4.26 -16.96
CA PHE A 293 8.42 3.81 -18.34
C PHE A 293 7.48 4.52 -19.31
N GLU A 294 6.19 4.52 -19.01
CA GLU A 294 5.17 5.07 -19.91
C GLU A 294 5.21 6.60 -20.03
N ALA A 295 5.71 7.27 -18.98
CA ALA A 295 5.86 8.73 -19.00
C ALA A 295 6.99 9.17 -19.93
N LEU A 296 8.13 8.51 -19.81
CA LEU A 296 9.27 8.74 -20.72
C LEU A 296 8.87 8.53 -22.18
N LYS A 297 8.06 7.51 -22.42
CA LYS A 297 7.56 7.22 -23.76
C LYS A 297 6.70 8.37 -24.28
N LYS A 298 5.84 8.91 -23.42
CA LYS A 298 4.88 9.96 -23.80
C LYS A 298 5.56 11.31 -24.04
N THR A 299 6.66 11.58 -23.35
CA THR A 299 7.41 12.82 -23.56
C THR A 299 8.43 12.69 -24.68
N GLY A 300 8.64 11.46 -25.14
CA GLY A 300 9.61 11.18 -26.20
C GLY A 300 11.05 11.27 -25.73
N GLY A 301 11.28 10.99 -24.44
CA GLY A 301 12.62 10.98 -23.88
C GLY A 301 12.96 12.15 -22.96
N LYS A 302 12.12 13.18 -22.96
CA LYS A 302 12.32 14.35 -22.10
C LYS A 302 12.30 13.92 -20.63
N ALA A 303 13.43 14.11 -19.95
CA ALA A 303 13.65 13.56 -18.62
C ALA A 303 13.48 14.54 -17.46
N ASP A 304 13.19 15.80 -17.77
CA ASP A 304 12.98 16.83 -16.73
C ASP A 304 11.68 16.61 -15.97
N GLY A 305 11.66 17.07 -14.72
CA GLY A 305 10.54 16.87 -13.82
C GLY A 305 9.19 17.36 -14.32
N ASP A 306 9.14 18.59 -14.82
CA ASP A 306 7.89 19.20 -15.30
C ASP A 306 7.23 18.41 -16.42
N SER A 307 8.02 17.97 -17.40
CA SER A 307 7.52 17.18 -18.53
C SER A 307 6.97 15.84 -18.08
N LEU A 308 7.65 15.21 -17.14
CA LEU A 308 7.25 13.91 -16.61
C LEU A 308 5.91 14.00 -15.88
N ILE A 309 5.80 14.96 -14.96
CA ILE A 309 4.56 15.16 -14.20
C ILE A 309 3.36 15.41 -15.12
N ALA A 310 3.55 16.28 -16.10
CA ALA A 310 2.51 16.60 -17.08
C ALA A 310 2.06 15.37 -17.85
N ALA A 311 3.01 14.51 -18.22
CA ALA A 311 2.72 13.26 -18.90
C ALA A 311 1.99 12.26 -17.98
N LYS A 313 0.05 12.85 -15.29
CA LYS A 313 -1.31 13.28 -14.98
C LYS A 313 -2.34 12.79 -16.01
N GLY A 314 -3.39 12.12 -15.52
CA GLY A 314 -4.48 11.65 -16.36
C GLY A 314 -4.25 10.31 -17.04
N LYS A 316 -3.92 6.48 -17.77
CA LYS A 316 -4.65 5.29 -17.33
C LYS A 316 -4.17 4.01 -18.00
N TRP A 317 -4.14 2.92 -17.23
CA TRP A 317 -3.74 1.60 -17.73
C TRP A 317 -4.32 0.51 -16.89
N GLU A 318 -4.31 -0.72 -17.42
CA GLU A 318 -4.70 -1.89 -16.64
C GLU A 318 -3.52 -2.39 -15.82
N SER A 319 -3.77 -2.60 -14.53
CA SER A 319 -2.81 -3.15 -13.59
C SER A 319 -3.28 -4.54 -13.18
N PRO A 320 -2.35 -5.40 -12.66
CA PRO A 320 -2.79 -6.68 -12.08
C PRO A 320 -3.96 -6.52 -11.08
N ARG A 321 -4.04 -5.36 -10.44
CA ARG A 321 -5.09 -5.08 -9.46
C ARG A 321 -6.42 -4.75 -10.11
N GLY A 322 -6.36 -4.29 -11.36
CA GLY A 322 -7.53 -3.77 -12.09
C GLY A 322 -7.18 -2.47 -12.81
N PRO A 323 -8.19 -1.83 -13.43
CA PRO A 323 -7.98 -0.55 -14.11
C PRO A 323 -7.59 0.57 -13.15
N ILE A 324 -6.47 1.24 -13.42
CA ILE A 324 -6.04 2.37 -12.58
C ILE A 324 -5.66 3.60 -13.41
N SER A 325 -5.59 4.75 -12.75
CA SER A 325 -5.22 5.99 -13.39
C SER A 325 -4.67 6.98 -12.37
N ILE A 326 -3.90 7.96 -12.85
CA ILE A 326 -3.40 9.05 -12.02
C ILE A 326 -4.35 10.24 -12.18
N ASP A 327 -4.98 10.65 -11.09
CA ASP A 327 -5.88 11.80 -11.11
C ASP A 327 -5.11 13.05 -11.58
N PRO A 328 -5.53 13.64 -12.70
CA PRO A 328 -4.86 14.82 -13.27
C PRO A 328 -4.82 16.02 -12.33
N GLU A 329 -5.75 16.06 -11.37
CA GLU A 329 -5.87 17.19 -10.45
C GLU A 329 -5.09 17.00 -9.15
N THR A 330 -5.03 15.76 -8.64
CA THR A 330 -4.42 15.50 -7.35
C THR A 330 -3.12 14.71 -7.42
N ARG A 331 -2.85 14.10 -8.57
CA ARG A 331 -1.69 13.22 -8.76
C ARG A 331 -1.75 11.94 -7.91
N ASP A 332 -2.95 11.64 -7.41
CA ASP A 332 -3.16 10.43 -6.62
C ASP A 332 -3.83 9.35 -7.47
N ILE A 333 -3.70 8.10 -7.02
CA ILE A 333 -4.20 6.94 -7.75
C ILE A 333 -5.71 6.74 -7.61
N VAL A 334 -6.37 6.56 -8.75
CA VAL A 334 -7.79 6.25 -8.77
C VAL A 334 -7.91 4.79 -9.16
N GLN A 335 -8.56 4.01 -8.30
CA GLN A 335 -8.59 2.56 -8.47
C GLN A 335 -9.85 1.95 -7.88
N ASN A 336 -10.18 0.73 -8.33
CA ASN A 336 -11.24 -0.06 -7.71
C ASN A 336 -10.90 -0.41 -6.27
N ILE A 337 -11.92 -0.48 -5.43
CA ILE A 337 -11.75 -1.04 -4.09
C ILE A 337 -12.68 -2.25 -3.95
N TYR A 338 -12.10 -3.37 -3.54
CA TYR A 338 -12.83 -4.63 -3.43
C TYR A 338 -13.05 -4.98 -1.98
N ILE A 339 -14.15 -5.68 -1.70
CA ILE A 339 -14.30 -6.33 -0.39
C ILE A 339 -14.04 -7.82 -0.55
N ARG A 340 -13.24 -8.36 0.36
CA ARG A 340 -12.72 -9.72 0.27
C ARG A 340 -12.98 -10.52 1.54
N LYS A 341 -13.10 -11.83 1.38
CA LYS A 341 -13.23 -12.75 2.51
C LYS A 341 -12.11 -13.76 2.39
N VAL A 342 -11.43 -14.03 3.51
CA VAL A 342 -10.35 -15.02 3.51
C VAL A 342 -10.93 -16.43 3.41
N GLU A 343 -10.62 -17.10 2.30
CA GLU A 343 -11.05 -18.48 2.05
C GLU A 343 -9.83 -19.35 1.70
N LYS A 344 -9.99 -20.66 1.84
CA LYS A 344 -8.93 -21.58 1.45
C LYS A 344 -9.22 -22.15 0.07
N VAL A 345 -8.24 -22.05 -0.82
CA VAL A 345 -8.34 -22.60 -2.17
C VAL A 345 -7.04 -23.34 -2.46
N ASP A 346 -7.17 -24.60 -2.86
CA ASP A 346 -6.03 -25.49 -3.10
C ASP A 346 -5.02 -25.43 -1.94
N GLY A 347 -5.54 -25.51 -0.72
CA GLY A 347 -4.71 -25.58 0.48
C GLY A 347 -4.10 -24.26 0.95
N GLU A 348 -4.43 -23.18 0.26
CA GLU A 348 -3.87 -21.86 0.59
C GLU A 348 -4.94 -20.84 0.87
N LEU A 349 -4.65 -19.97 1.84
CA LEU A 349 -5.56 -18.88 2.19
C LEU A 349 -5.45 -17.75 1.19
N TYR A 350 -6.60 -17.25 0.75
CA TYR A 350 -6.65 -16.15 -0.21
C TYR A 350 -7.70 -15.13 0.20
N ASN A 351 -7.47 -13.86 -0.13
CA ASN A 351 -8.50 -12.83 -0.06
C ASN A 351 -9.41 -12.93 -1.28
N ILE A 352 -10.58 -13.55 -1.14
CA ILE A 352 -11.48 -13.74 -2.28
C ILE A 352 -12.44 -12.55 -2.41
N GLU A 353 -12.35 -11.86 -3.54
CA GLU A 353 -13.14 -10.66 -3.81
C GLU A 353 -14.60 -11.01 -4.10
N PHE A 354 -15.52 -10.38 -3.36
CA PHE A 354 -16.95 -10.62 -3.55
C PHE A 354 -17.71 -9.33 -3.84
N ALA A 355 -17.02 -8.20 -3.72
CA ALA A 355 -17.61 -6.89 -3.96
C ALA A 355 -16.62 -5.98 -4.66
N LYS A 356 -17.12 -5.06 -5.48
CA LYS A 356 -16.26 -4.16 -6.23
C LYS A 356 -16.84 -2.74 -6.32
N PHE A 357 -16.04 -1.77 -5.90
CA PHE A 357 -16.41 -0.36 -6.05
C PHE A 357 -15.48 0.30 -7.06
N ASP A 358 -16.08 0.85 -8.11
CA ASP A 358 -15.35 1.31 -9.29
C ASP A 358 -14.65 2.66 -9.10
N ALA A 359 -13.37 2.69 -9.45
CA ALA A 359 -12.59 3.92 -9.59
C ALA A 359 -12.78 4.92 -8.45
N VAL A 360 -12.30 4.53 -7.27
CA VAL A 360 -12.46 5.34 -6.07
C VAL A 360 -11.35 6.37 -5.94
N LYS A 361 -11.73 7.65 -5.98
CA LYS A 361 -10.81 8.75 -5.69
C LYS A 361 -10.56 8.78 -4.20
N ASP A 362 -9.38 9.28 -3.80
CA ASP A 362 -9.07 9.45 -2.37
C ASP A 362 -10.13 10.33 -1.70
N PRO A 363 -10.84 9.78 -0.70
CA PRO A 363 -11.85 10.53 0.02
C PRO A 363 -11.24 11.62 0.90
N GLY A 364 -9.94 11.51 1.16
CA GLY A 364 -9.21 12.52 1.94
C GLY A 364 -8.96 13.82 1.21
N LYS A 365 -9.39 13.89 -0.06
CA LYS A 365 -9.21 15.09 -0.88
C LYS A 365 -10.46 15.50 -1.66
N THR A 366 -11.46 14.60 -1.73
CA THR A 366 -12.70 14.88 -2.47
C THR A 366 -13.58 15.96 -1.82
#